data_3PUL
#
_entry.id   3PUL
#
_cell.length_a   168.813
_cell.length_b   168.813
_cell.length_c   62.678
_cell.angle_alpha   90.00
_cell.angle_beta   90.00
_cell.angle_gamma   120.00
#
_symmetry.space_group_name_H-M   'H 3'
#
loop_
_entity.id
_entity.type
_entity.pdbx_description
1 polymer 'Dihydrodipicolinate synthase'
2 non-polymer GLYCEROL
3 non-polymer 'SULFATE ION'
4 non-polymer LYSINE
5 non-polymer 'ACETATE ION'
6 water water
#
_entity_poly.entity_id   1
_entity_poly.type   'polypeptide(L)'
_entity_poly.pdbx_seq_one_letter_code
;TIQGSIVAIVTPMLKDGGVDWKSLEKLVEWHIEQGTNSIVAVGTTGEASTLSMEEHTQVIKEIIRVANKRIPIIAGTGAN
STREAIELTKAAKDLGADAALLVTPYYNKPTQEGLYQHYKAIAEAVELPLILYNVPGRTGVDLSNDTAVRLAEIPNIVGI
KDATGDVPRGKALIDALNGKMAVYSGDDETAWELMLLGADGNISVTANIAPKAMSEVCAVAIAKDEQQAKTLNNKIANLH
NILFCESNPIPVKWALHEMGLIDTGIRLPLTPLAEQYREPLRNALKDAGII
;
_entity_poly.pdbx_strand_id   A,B
#
# COMPACT_ATOMS: atom_id res chain seq x y z
N THR A 1 27.04 5.56 8.61
CA THR A 1 28.18 4.63 8.82
C THR A 1 28.00 3.23 8.21
N ILE A 2 26.76 2.76 8.02
CA ILE A 2 26.60 1.45 7.37
C ILE A 2 26.77 1.65 5.86
N GLN A 3 27.69 0.92 5.24
CA GLN A 3 27.94 1.13 3.81
C GLN A 3 28.11 -0.06 2.89
N GLY A 4 28.13 0.27 1.61
CA GLY A 4 28.31 -0.72 0.57
C GLY A 4 27.09 -1.48 0.11
N SER A 5 27.33 -2.75 -0.22
CA SER A 5 26.29 -3.64 -0.71
C SER A 5 25.42 -4.15 0.43
N ILE A 6 24.19 -3.69 0.45
CA ILE A 6 23.23 -4.13 1.41
C ILE A 6 22.13 -4.92 0.74
N VAL A 7 22.14 -6.22 0.93
CA VAL A 7 21.15 -7.05 0.26
C VAL A 7 19.77 -7.05 0.90
N ALA A 8 18.76 -6.80 0.08
CA ALA A 8 17.38 -6.84 0.53
C ALA A 8 17.11 -8.31 0.29
N ILE A 9 17.23 -9.13 1.31
CA ILE A 9 17.22 -10.57 1.20
C ILE A 9 15.84 -11.19 1.14
N VAL A 10 15.69 -12.15 0.25
CA VAL A 10 14.43 -12.85 0.10
C VAL A 10 14.19 -13.66 1.37
N THR A 11 12.96 -14.14 1.56
CA THR A 11 12.65 -14.99 2.69
C THR A 11 12.34 -16.32 2.00
N PRO A 12 13.36 -17.19 1.85
CA PRO A 12 13.19 -18.51 1.20
C PRO A 12 11.94 -19.23 1.72
N MET A 13 11.22 -19.87 0.82
CA MET A 13 10.01 -20.57 1.22
C MET A 13 9.87 -21.98 0.65
N LEU A 14 9.24 -22.85 1.43
CA LEU A 14 8.99 -24.20 1.00
C LEU A 14 7.86 -24.12 -0.04
N LYS A 15 7.69 -25.20 -0.79
CA LYS A 15 6.65 -25.28 -1.81
C LYS A 15 5.31 -24.81 -1.31
N ASP A 16 5.00 -25.13 -0.07
CA ASP A 16 3.72 -24.75 0.53
C ASP A 16 3.68 -23.30 1.03
N GLY A 17 4.82 -22.62 0.92
CA GLY A 17 4.87 -21.24 1.35
C GLY A 17 5.37 -21.06 2.77
N GLY A 18 5.71 -22.17 3.43
CA GLY A 18 6.25 -22.07 4.76
C GLY A 18 7.68 -21.55 4.67
N VAL A 19 8.09 -20.75 5.65
CA VAL A 19 9.44 -20.25 5.66
C VAL A 19 10.42 -21.42 5.70
N ASP A 20 11.38 -21.39 4.78
CA ASP A 20 12.40 -22.43 4.65
C ASP A 20 13.63 -21.97 5.44
N TRP A 21 13.69 -22.31 6.72
CA TRP A 21 14.80 -21.87 7.58
C TRP A 21 16.20 -22.33 7.19
N LYS A 22 16.32 -23.55 6.69
CA LYS A 22 17.65 -24.05 6.31
C LYS A 22 18.21 -23.33 5.10
N SER A 23 17.36 -22.92 4.17
CA SER A 23 17.85 -22.19 3.01
C SER A 23 18.19 -20.79 3.47
N LEU A 24 17.34 -20.22 4.32
CA LEU A 24 17.58 -18.88 4.82
C LEU A 24 18.95 -18.86 5.45
N GLU A 25 19.19 -19.83 6.33
CA GLU A 25 20.47 -19.93 7.03
C GLU A 25 21.66 -19.96 6.07
N LYS A 26 21.61 -20.85 5.08
CA LYS A 26 22.69 -20.99 4.11
C LYS A 26 22.91 -19.70 3.32
N LEU A 27 21.83 -19.00 2.97
CA LEU A 27 21.95 -17.76 2.21
C LEU A 27 22.75 -16.71 2.97
N VAL A 28 22.37 -16.50 4.22
CA VAL A 28 23.01 -15.52 5.08
C VAL A 28 24.51 -15.78 5.20
N GLU A 29 24.84 -17.05 5.45
CA GLU A 29 26.21 -17.50 5.58
C GLU A 29 26.97 -17.22 4.29
N TRP A 30 26.30 -17.48 3.18
CA TRP A 30 26.89 -17.26 1.86
C TRP A 30 27.13 -15.77 1.59
N HIS A 31 26.16 -14.94 1.95
CA HIS A 31 26.32 -13.51 1.75
C HIS A 31 27.50 -12.98 2.53
N ILE A 32 27.67 -13.47 3.75
CA ILE A 32 28.77 -13.03 4.59
C ILE A 32 30.09 -13.50 3.95
N GLU A 33 30.13 -14.76 3.51
CA GLU A 33 31.31 -15.30 2.84
C GLU A 33 31.61 -14.57 1.53
N GLN A 34 30.57 -14.21 0.79
CA GLN A 34 30.72 -13.55 -0.51
C GLN A 34 31.09 -12.08 -0.53
N GLY A 35 31.03 -11.40 0.61
CA GLY A 35 31.38 -9.98 0.63
C GLY A 35 30.27 -9.00 0.98
N THR A 36 29.04 -9.48 0.97
CA THR A 36 27.90 -8.66 1.31
C THR A 36 28.13 -7.93 2.64
N ASN A 37 27.95 -6.61 2.62
CA ASN A 37 28.18 -5.78 3.80
C ASN A 37 27.09 -5.77 4.86
N SER A 38 25.85 -6.10 4.47
CA SER A 38 24.78 -6.16 5.43
C SER A 38 23.48 -6.64 4.79
N ILE A 39 22.54 -7.01 5.64
CA ILE A 39 21.27 -7.57 5.22
C ILE A 39 20.06 -6.83 5.75
N VAL A 40 19.09 -6.59 4.87
CA VAL A 40 17.84 -6.00 5.29
C VAL A 40 16.95 -7.23 5.40
N ALA A 41 16.48 -7.51 6.61
CA ALA A 41 15.64 -8.67 6.83
C ALA A 41 14.18 -8.24 6.77
N VAL A 42 13.38 -9.04 6.06
CA VAL A 42 11.95 -8.78 5.93
C VAL A 42 11.61 -7.39 5.38
N GLY A 43 12.17 -7.08 4.21
CA GLY A 43 11.85 -5.83 3.55
C GLY A 43 10.89 -6.23 2.45
N THR A 44 10.78 -5.40 1.41
CA THR A 44 9.88 -5.69 0.30
C THR A 44 10.27 -6.96 -0.42
N THR A 45 11.57 -7.11 -0.67
CA THR A 45 12.10 -8.28 -1.36
C THR A 45 11.95 -9.52 -0.49
N GLY A 46 11.81 -9.33 0.82
CA GLY A 46 11.66 -10.44 1.72
C GLY A 46 10.20 -10.76 2.02
N GLU A 47 9.30 -10.16 1.24
CA GLU A 47 7.85 -10.36 1.37
C GLU A 47 7.27 -9.94 2.72
N ALA A 48 7.68 -8.78 3.22
CA ALA A 48 7.18 -8.28 4.48
C ALA A 48 5.65 -8.39 4.55
N SER A 49 4.99 -8.02 3.45
CA SER A 49 3.54 -8.03 3.33
C SER A 49 2.84 -9.36 3.59
N THR A 50 3.39 -10.47 3.13
CA THR A 50 2.74 -11.76 3.33
C THR A 50 3.19 -12.62 4.53
N LEU A 51 4.05 -12.09 5.39
CA LEU A 51 4.50 -12.84 6.56
C LEU A 51 3.80 -12.30 7.80
N SER A 52 3.37 -13.19 8.70
CA SER A 52 2.71 -12.75 9.91
C SER A 52 3.71 -12.01 10.80
N MET A 53 3.21 -11.25 11.77
CA MET A 53 4.10 -10.52 12.66
C MET A 53 5.03 -11.52 13.35
N GLU A 54 4.48 -12.67 13.72
CA GLU A 54 5.29 -13.68 14.36
C GLU A 54 6.41 -14.09 13.42
N GLU A 55 6.11 -14.22 12.13
CA GLU A 55 7.12 -14.62 11.17
C GLU A 55 8.15 -13.52 10.93
N HIS A 56 7.75 -12.26 11.03
CA HIS A 56 8.69 -11.16 10.87
C HIS A 56 9.74 -11.32 11.96
N THR A 57 9.26 -11.48 13.18
CA THR A 57 10.14 -11.66 14.33
C THR A 57 11.03 -12.88 14.17
N GLN A 58 10.43 -14.02 13.85
CA GLN A 58 11.21 -15.23 13.66
C GLN A 58 12.32 -15.00 12.62
N VAL A 59 11.95 -14.52 11.43
CA VAL A 59 12.93 -14.28 10.37
C VAL A 59 14.06 -13.31 10.77
N ILE A 60 13.71 -12.24 11.47
CA ILE A 60 14.71 -11.26 11.89
C ILE A 60 15.68 -11.89 12.88
N LYS A 61 15.13 -12.66 13.80
CA LYS A 61 15.88 -13.36 14.85
C LYS A 61 16.85 -14.39 14.29
N GLU A 62 16.43 -15.12 13.27
CA GLU A 62 17.27 -16.15 12.66
C GLU A 62 18.45 -15.55 11.91
N ILE A 63 18.19 -14.46 11.19
CA ILE A 63 19.23 -13.78 10.40
C ILE A 63 20.30 -13.14 11.29
N ILE A 64 19.86 -12.64 12.45
CA ILE A 64 20.75 -12.04 13.43
C ILE A 64 21.58 -13.13 14.10
N ARG A 65 20.90 -14.22 14.45
CA ARG A 65 21.55 -15.35 15.09
C ARG A 65 22.63 -15.92 14.19
N VAL A 66 22.29 -16.13 12.92
CA VAL A 66 23.26 -16.71 11.97
C VAL A 66 24.39 -15.75 11.59
N ALA A 67 24.10 -14.44 11.58
CA ALA A 67 25.11 -13.44 11.24
C ALA A 67 26.15 -13.40 12.34
N ASN A 68 25.69 -13.54 13.58
CA ASN A 68 26.59 -13.57 14.72
C ASN A 68 27.50 -12.33 14.82
N LYS A 69 26.90 -11.15 14.67
CA LYS A 69 27.58 -9.85 14.78
C LYS A 69 28.69 -9.55 13.76
N ARG A 70 28.79 -10.40 12.73
CA ARG A 70 29.79 -10.23 11.67
C ARG A 70 29.47 -9.08 10.72
N ILE A 71 28.19 -8.88 10.40
CA ILE A 71 27.79 -7.74 9.56
C ILE A 71 26.55 -7.17 10.22
N PRO A 72 26.29 -5.86 10.01
CA PRO A 72 25.08 -5.34 10.65
C PRO A 72 23.78 -5.77 9.95
N ILE A 73 22.74 -5.93 10.73
CA ILE A 73 21.45 -6.30 10.21
C ILE A 73 20.41 -5.22 10.34
N ILE A 74 19.75 -4.89 9.25
CA ILE A 74 18.65 -3.98 9.23
C ILE A 74 17.33 -4.71 9.17
N ALA A 75 16.42 -4.34 10.06
CA ALA A 75 15.13 -4.98 10.01
C ALA A 75 14.10 -4.12 9.29
N GLY A 76 13.40 -4.71 8.33
CA GLY A 76 12.36 -3.96 7.65
C GLY A 76 11.23 -3.87 8.68
N THR A 77 10.84 -2.66 9.06
CA THR A 77 9.77 -2.49 10.04
C THR A 77 8.74 -1.44 9.65
N GLY A 78 8.56 -1.21 8.37
CA GLY A 78 7.60 -0.20 7.94
C GLY A 78 6.14 -0.64 8.02
N ALA A 79 5.25 0.35 8.16
CA ALA A 79 3.81 0.10 8.24
C ALA A 79 3.10 1.38 7.81
N ASN A 80 1.84 1.31 7.43
CA ASN A 80 1.15 2.55 7.06
C ASN A 80 0.35 3.11 8.24
N SER A 81 0.63 2.58 9.43
CA SER A 81 0.02 3.04 10.67
C SER A 81 1.20 3.43 11.53
N THR A 82 1.16 4.64 12.07
CA THR A 82 2.26 5.08 12.91
C THR A 82 2.35 4.21 14.16
N ARG A 83 1.20 3.90 14.76
CA ARG A 83 1.19 3.07 15.95
C ARG A 83 1.82 1.71 15.69
N GLU A 84 1.44 1.06 14.61
CA GLU A 84 1.97 -0.25 14.30
C GLU A 84 3.45 -0.20 13.91
N ALA A 85 3.89 0.89 13.28
CA ALA A 85 5.29 1.00 12.91
C ALA A 85 6.12 1.06 14.18
N ILE A 86 5.59 1.77 15.17
CA ILE A 86 6.25 1.91 16.45
C ILE A 86 6.42 0.56 17.11
N GLU A 87 5.38 -0.27 17.05
CA GLU A 87 5.43 -1.61 17.63
C GLU A 87 6.46 -2.48 16.93
N LEU A 88 6.45 -2.50 15.60
CA LEU A 88 7.40 -3.30 14.83
C LEU A 88 8.86 -2.86 14.95
N THR A 89 9.07 -1.56 15.14
CA THR A 89 10.42 -1.03 15.24
C THR A 89 10.98 -1.32 16.65
N LYS A 90 10.08 -1.31 17.64
CA LYS A 90 10.41 -1.60 19.03
C LYS A 90 10.83 -3.06 19.12
N ALA A 91 10.08 -3.92 18.43
CA ALA A 91 10.34 -5.36 18.40
C ALA A 91 11.67 -5.63 17.74
N ALA A 92 12.00 -4.87 16.71
CA ALA A 92 13.27 -5.04 16.01
C ALA A 92 14.41 -4.67 16.93
N LYS A 93 14.24 -3.59 17.69
CA LYS A 93 15.26 -3.15 18.61
C LYS A 93 15.49 -4.20 19.69
N ASP A 94 14.42 -4.64 20.32
CA ASP A 94 14.53 -5.63 21.38
C ASP A 94 15.16 -6.93 20.86
N LEU A 95 15.12 -7.15 19.56
CA LEU A 95 15.70 -8.34 18.96
C LEU A 95 17.19 -8.12 18.68
N GLY A 96 17.66 -6.88 18.89
CA GLY A 96 19.06 -6.58 18.66
C GLY A 96 19.41 -6.20 17.24
N ALA A 97 18.43 -5.73 16.48
CA ALA A 97 18.69 -5.31 15.11
C ALA A 97 19.52 -4.03 15.19
N ASP A 98 20.43 -3.87 14.23
CA ASP A 98 21.30 -2.70 14.23
C ASP A 98 20.60 -1.47 13.74
N ALA A 99 19.63 -1.65 12.84
CA ALA A 99 18.86 -0.52 12.31
C ALA A 99 17.51 -1.00 11.80
N ALA A 100 16.64 -0.07 11.46
CA ALA A 100 15.33 -0.41 10.95
C ALA A 100 15.09 0.39 9.68
N LEU A 101 14.58 -0.28 8.66
CA LEU A 101 14.28 0.38 7.39
C LEU A 101 12.77 0.56 7.41
N LEU A 102 12.30 1.79 7.21
CA LEU A 102 10.87 2.07 7.23
C LEU A 102 10.30 2.72 5.96
N VAL A 103 9.58 1.95 5.17
CA VAL A 103 8.97 2.49 3.95
C VAL A 103 7.93 3.52 4.36
N THR A 104 7.72 4.54 3.53
CA THR A 104 6.72 5.55 3.82
C THR A 104 5.36 4.86 3.90
N PRO A 105 4.45 5.38 4.74
CA PRO A 105 3.16 4.71 4.77
C PRO A 105 2.62 4.57 3.34
N TYR A 106 2.20 3.37 2.98
CA TYR A 106 1.67 3.14 1.65
C TYR A 106 0.15 3.13 1.67
N TYR A 107 -0.46 3.35 0.51
CA TYR A 107 -1.90 3.31 0.37
C TYR A 107 -2.74 4.46 0.94
N ASN A 108 -2.53 4.86 2.20
CA ASN A 108 -3.35 5.93 2.76
C ASN A 108 -2.92 7.37 2.47
N LYS A 109 -1.94 7.55 1.63
CA LYS A 109 -1.40 8.82 1.18
C LYS A 109 -1.33 9.97 2.15
N PRO A 110 -0.52 9.85 3.18
CA PRO A 110 -0.40 10.95 4.14
C PRO A 110 0.25 12.18 3.47
N THR A 111 0.06 13.36 4.06
CA THR A 111 0.65 14.58 3.53
C THR A 111 2.13 14.59 3.91
N GLN A 112 2.87 15.59 3.46
CA GLN A 112 4.26 15.67 3.83
C GLN A 112 4.39 15.85 5.34
N GLU A 113 3.52 16.68 5.91
CA GLU A 113 3.57 16.94 7.34
C GLU A 113 3.29 15.65 8.07
N GLY A 114 2.39 14.86 7.51
CA GLY A 114 2.04 13.59 8.12
C GLY A 114 3.20 12.62 8.09
N LEU A 115 3.93 12.62 6.98
CA LEU A 115 5.09 11.74 6.87
C LEU A 115 6.10 12.21 7.90
N TYR A 116 6.21 13.53 8.04
CA TYR A 116 7.14 14.12 9.00
C TYR A 116 6.76 13.70 10.40
N GLN A 117 5.49 13.88 10.75
CA GLN A 117 5.00 13.51 12.08
C GLN A 117 5.09 12.00 12.32
N HIS A 118 4.90 11.22 11.26
CA HIS A 118 4.97 9.77 11.35
C HIS A 118 6.37 9.33 11.76
N TYR A 119 7.35 9.80 11.02
CA TYR A 119 8.74 9.43 11.29
C TYR A 119 9.24 10.01 12.61
N LYS A 120 8.92 11.27 12.88
CA LYS A 120 9.33 11.89 14.13
C LYS A 120 8.84 11.07 15.31
N ALA A 121 7.57 10.67 15.25
CA ALA A 121 6.94 9.87 16.30
C ALA A 121 7.65 8.56 16.56
N ILE A 122 8.02 7.86 15.51
CA ILE A 122 8.76 6.62 15.64
C ILE A 122 10.13 6.86 16.23
N ALA A 123 10.83 7.84 15.72
CA ALA A 123 12.18 8.18 16.17
C ALA A 123 12.24 8.53 17.66
N GLU A 124 11.21 9.23 18.13
CA GLU A 124 11.15 9.61 19.53
C GLU A 124 10.71 8.41 20.40
N ALA A 125 9.91 7.51 19.83
CA ALA A 125 9.41 6.34 20.55
C ALA A 125 10.43 5.21 20.70
N VAL A 126 11.20 4.93 19.65
CA VAL A 126 12.20 3.86 19.73
C VAL A 126 13.60 4.42 19.58
N GLU A 127 14.52 3.95 20.41
CA GLU A 127 15.88 4.42 20.36
C GLU A 127 16.71 3.47 19.51
N LEU A 128 16.60 3.63 18.19
CA LEU A 128 17.30 2.79 17.23
C LEU A 128 17.54 3.60 15.95
N PRO A 129 18.63 3.33 15.23
CA PRO A 129 18.88 4.08 13.99
C PRO A 129 17.75 3.77 13.00
N LEU A 130 17.15 4.80 12.42
CA LEU A 130 16.06 4.58 11.48
C LEU A 130 16.45 5.04 10.07
N ILE A 131 16.16 4.24 9.09
CA ILE A 131 16.37 4.59 7.70
C ILE A 131 15.05 4.77 7.01
N LEU A 132 14.82 5.94 6.41
CA LEU A 132 13.59 6.19 5.64
C LEU A 132 13.70 5.39 4.33
N TYR A 133 12.58 5.22 3.64
CA TYR A 133 12.55 4.44 2.40
C TYR A 133 11.41 4.96 1.50
N ASN A 134 11.81 5.67 0.44
CA ASN A 134 10.87 6.26 -0.51
C ASN A 134 10.82 5.48 -1.81
N VAL A 135 9.64 4.97 -2.15
CA VAL A 135 9.45 4.19 -3.40
C VAL A 135 8.00 4.46 -3.87
N PRO A 136 7.76 5.71 -4.32
CA PRO A 136 6.49 6.27 -4.80
C PRO A 136 5.65 5.34 -5.66
N GLY A 137 6.31 4.63 -6.57
CA GLY A 137 5.59 3.72 -7.45
C GLY A 137 4.77 2.66 -6.73
N ARG A 138 5.24 2.22 -5.57
CA ARG A 138 4.56 1.19 -4.79
C ARG A 138 3.60 1.72 -3.75
N THR A 139 3.99 2.84 -3.14
CA THR A 139 3.22 3.41 -2.04
C THR A 139 2.12 4.43 -2.29
N GLY A 140 2.23 5.22 -3.35
CA GLY A 140 1.21 6.23 -3.57
C GLY A 140 1.65 7.60 -3.05
N VAL A 141 2.74 7.64 -2.29
CA VAL A 141 3.28 8.90 -1.78
C VAL A 141 4.71 9.10 -2.24
N ASP A 142 5.11 10.37 -2.24
CA ASP A 142 6.47 10.70 -2.59
C ASP A 142 6.99 11.54 -1.43
N LEU A 143 7.97 11.01 -0.71
CA LEU A 143 8.55 11.76 0.39
C LEU A 143 9.58 12.68 -0.28
N SER A 144 9.31 13.99 -0.26
CA SER A 144 10.17 14.97 -0.90
C SER A 144 11.56 15.14 -0.29
N ASN A 145 12.49 15.64 -1.10
CA ASN A 145 13.84 15.91 -0.64
C ASN A 145 13.71 16.87 0.54
N ASP A 146 12.82 17.84 0.41
CA ASP A 146 12.61 18.81 1.49
C ASP A 146 12.20 18.15 2.79
N THR A 147 11.27 17.21 2.72
CA THR A 147 10.83 16.54 3.93
C THR A 147 11.92 15.65 4.50
N ALA A 148 12.68 15.00 3.63
CA ALA A 148 13.77 14.13 4.07
C ALA A 148 14.81 15.00 4.74
N VAL A 149 15.01 16.19 4.19
CA VAL A 149 15.96 17.13 4.74
C VAL A 149 15.55 17.57 6.14
N ARG A 150 14.25 17.78 6.36
CA ARG A 150 13.76 18.17 7.68
C ARG A 150 13.98 17.03 8.68
N LEU A 151 13.76 15.79 8.24
CA LEU A 151 13.90 14.64 9.09
C LEU A 151 15.35 14.34 9.45
N ALA A 152 16.27 14.69 8.57
CA ALA A 152 17.68 14.45 8.82
C ALA A 152 18.16 15.16 10.07
N GLU A 153 17.32 16.03 10.65
CA GLU A 153 17.69 16.75 11.86
C GLU A 153 17.52 15.94 13.12
N ILE A 154 16.74 14.88 13.04
CA ILE A 154 16.53 14.03 14.18
C ILE A 154 17.70 13.07 14.28
N PRO A 155 18.41 13.10 15.40
CA PRO A 155 19.58 12.23 15.53
C PRO A 155 19.47 10.76 15.13
N ASN A 156 18.40 10.06 15.48
CA ASN A 156 18.36 8.66 15.10
C ASN A 156 17.74 8.32 13.75
N ILE A 157 17.44 9.32 12.96
CA ILE A 157 17.11 9.15 11.58
C ILE A 157 18.41 9.24 10.80
N VAL A 158 19.01 8.11 10.51
CA VAL A 158 20.35 8.11 9.90
C VAL A 158 20.49 7.91 8.41
N GLY A 159 19.39 7.73 7.69
CA GLY A 159 19.51 7.56 6.26
C GLY A 159 18.20 7.47 5.51
N ILE A 160 18.27 7.22 4.22
CA ILE A 160 17.12 7.12 3.39
C ILE A 160 17.41 6.27 2.18
N LYS A 161 16.53 5.32 1.92
CA LYS A 161 16.66 4.47 0.75
C LYS A 161 15.87 5.18 -0.32
N ASP A 162 16.57 5.71 -1.31
CA ASP A 162 15.95 6.45 -2.41
C ASP A 162 15.79 5.50 -3.58
N ALA A 163 14.57 5.00 -3.78
CA ALA A 163 14.28 4.04 -4.85
C ALA A 163 13.68 4.70 -6.08
N THR A 164 13.73 6.01 -6.13
CA THR A 164 13.16 6.72 -7.26
C THR A 164 13.85 6.40 -8.57
N GLY A 165 15.18 6.23 -8.52
CA GLY A 165 15.94 5.95 -9.71
C GLY A 165 16.15 7.20 -10.53
N ASP A 166 15.83 8.33 -9.90
CA ASP A 166 15.96 9.66 -10.49
C ASP A 166 17.30 10.20 -10.02
N VAL A 167 18.36 9.88 -10.75
CA VAL A 167 19.72 10.32 -10.38
C VAL A 167 19.86 11.81 -10.05
N PRO A 168 19.39 12.70 -10.94
CA PRO A 168 19.51 14.14 -10.62
C PRO A 168 18.93 14.52 -9.26
N ARG A 169 17.75 13.99 -8.96
CA ARG A 169 17.08 14.27 -7.71
C ARG A 169 17.82 13.65 -6.52
N GLY A 170 18.44 12.50 -6.74
CA GLY A 170 19.18 11.85 -5.68
C GLY A 170 20.43 12.64 -5.37
N LYS A 171 21.03 13.22 -6.41
CA LYS A 171 22.24 14.02 -6.24
C LYS A 171 21.84 15.30 -5.50
N ALA A 172 20.69 15.85 -5.90
CA ALA A 172 20.18 17.06 -5.29
C ALA A 172 19.97 16.79 -3.81
N LEU A 173 19.46 15.61 -3.51
CA LEU A 173 19.20 15.21 -2.12
C LEU A 173 20.51 15.08 -1.38
N ILE A 174 21.47 14.43 -1.99
CA ILE A 174 22.75 14.25 -1.38
C ILE A 174 23.37 15.58 -1.03
N ASP A 175 23.31 16.51 -1.95
CA ASP A 175 23.90 17.81 -1.72
C ASP A 175 23.14 18.63 -0.69
N ALA A 176 21.81 18.62 -0.77
CA ALA A 176 20.98 19.38 0.18
C ALA A 176 21.30 18.96 1.62
N LEU A 177 21.54 17.67 1.79
CA LEU A 177 21.91 17.15 3.08
C LEU A 177 23.42 17.33 3.07
N ASN A 178 24.04 17.04 4.18
CA ASN A 178 25.49 17.04 4.23
C ASN A 178 25.51 15.70 4.90
N GLY A 179 26.66 15.26 5.39
CA GLY A 179 26.65 13.99 6.08
C GLY A 179 25.59 13.99 7.16
N LYS A 180 24.54 14.81 7.04
CA LYS A 180 23.48 14.86 8.04
C LYS A 180 22.87 13.48 8.19
N MET A 181 22.71 12.79 7.07
CA MET A 181 22.20 11.42 7.08
C MET A 181 22.65 10.78 5.77
N ALA A 182 22.72 9.47 5.75
CA ALA A 182 23.16 8.79 4.55
C ALA A 182 22.07 8.67 3.50
N VAL A 183 22.50 8.38 2.28
CA VAL A 183 21.58 8.18 1.19
C VAL A 183 21.97 6.84 0.57
N TYR A 184 21.01 5.94 0.51
CA TYR A 184 21.22 4.62 -0.07
C TYR A 184 20.39 4.49 -1.33
N SER A 185 20.93 3.81 -2.31
CA SER A 185 20.22 3.60 -3.55
C SER A 185 19.25 2.44 -3.37
N GLY A 186 18.10 2.57 -4.03
CA GLY A 186 17.09 1.54 -3.96
C GLY A 186 16.76 1.12 -5.38
N ASP A 187 17.60 1.58 -6.29
CA ASP A 187 17.44 1.29 -7.71
C ASP A 187 18.76 0.72 -8.24
N ASP A 188 18.85 -0.60 -8.31
CA ASP A 188 20.04 -1.30 -8.77
C ASP A 188 20.68 -0.82 -10.06
N GLU A 189 19.84 -0.48 -11.04
CA GLU A 189 20.34 -0.06 -12.33
C GLU A 189 21.03 1.32 -12.38
N THR A 190 20.76 2.18 -11.40
CA THR A 190 21.41 3.49 -11.33
C THR A 190 22.22 3.62 -10.05
N ALA A 191 22.20 2.59 -9.23
CA ALA A 191 22.93 2.59 -7.97
C ALA A 191 24.38 3.01 -8.14
N TRP A 192 25.08 2.34 -9.05
CA TRP A 192 26.49 2.67 -9.28
C TRP A 192 26.72 4.16 -9.47
N GLU A 193 25.84 4.81 -10.23
CA GLU A 193 25.97 6.25 -10.48
C GLU A 193 25.67 7.07 -9.24
N LEU A 194 24.74 6.59 -8.42
CA LEU A 194 24.37 7.30 -7.20
C LEU A 194 25.52 7.27 -6.22
N MET A 195 26.18 6.11 -6.10
CA MET A 195 27.30 6.00 -5.19
C MET A 195 28.49 6.85 -5.65
N LEU A 196 28.65 6.99 -6.96
CA LEU A 196 29.73 7.80 -7.49
C LEU A 196 29.48 9.27 -7.13
N LEU A 197 28.22 9.62 -6.91
CA LEU A 197 27.87 10.99 -6.56
C LEU A 197 27.79 11.18 -5.06
N GLY A 198 28.14 10.15 -4.29
CA GLY A 198 28.12 10.28 -2.84
C GLY A 198 27.19 9.43 -2.01
N ALA A 199 26.43 8.53 -2.61
CA ALA A 199 25.52 7.70 -1.82
C ALA A 199 26.40 6.76 -1.02
N ASP A 200 25.95 6.35 0.17
CA ASP A 200 26.75 5.47 1.03
C ASP A 200 26.61 3.98 0.76
N GLY A 201 25.72 3.61 -0.15
CA GLY A 201 25.53 2.19 -0.46
C GLY A 201 24.37 1.93 -1.36
N ASN A 202 24.04 0.66 -1.52
CA ASN A 202 22.93 0.22 -2.35
C ASN A 202 22.21 -0.92 -1.65
N ILE A 203 20.95 -0.69 -1.32
CA ILE A 203 20.10 -1.71 -0.71
C ILE A 203 19.57 -2.39 -1.96
N SER A 204 20.28 -3.46 -2.30
CA SER A 204 20.11 -4.21 -3.54
C SER A 204 19.21 -5.43 -3.67
N VAL A 205 18.67 -5.60 -4.87
CA VAL A 205 17.85 -6.76 -5.19
C VAL A 205 18.84 -7.69 -5.88
N THR A 206 19.62 -7.11 -6.79
CA THR A 206 20.63 -7.86 -7.54
C THR A 206 21.69 -8.52 -6.67
N ALA A 207 21.93 -8.00 -5.46
CA ALA A 207 22.94 -8.57 -4.58
C ALA A 207 22.52 -9.95 -4.08
N ASN A 208 21.26 -10.30 -4.32
CA ASN A 208 20.70 -11.59 -3.94
C ASN A 208 21.30 -12.76 -4.72
N ILE A 209 21.62 -12.50 -5.98
CA ILE A 209 22.15 -13.54 -6.86
C ILE A 209 23.59 -13.30 -7.28
N ALA A 210 24.11 -12.10 -7.02
CA ALA A 210 25.49 -11.73 -7.38
C ALA A 210 26.05 -10.92 -6.23
N PRO A 211 26.11 -11.50 -5.02
CA PRO A 211 26.64 -10.77 -3.88
C PRO A 211 28.06 -10.25 -3.99
N LYS A 212 28.98 -11.02 -4.58
CA LYS A 212 30.35 -10.52 -4.70
C LYS A 212 30.50 -9.44 -5.75
N ALA A 213 29.88 -9.65 -6.90
CA ALA A 213 29.97 -8.67 -7.96
C ALA A 213 29.45 -7.33 -7.47
N MET A 214 28.30 -7.34 -6.82
CA MET A 214 27.74 -6.11 -6.30
C MET A 214 28.58 -5.55 -5.15
N SER A 215 29.14 -6.47 -4.37
CA SER A 215 29.99 -6.09 -3.25
C SER A 215 31.10 -5.21 -3.80
N GLU A 216 31.70 -5.66 -4.89
CA GLU A 216 32.80 -4.95 -5.56
C GLU A 216 32.34 -3.65 -6.22
N VAL A 217 31.19 -3.68 -6.89
CA VAL A 217 30.67 -2.48 -7.55
C VAL A 217 30.48 -1.34 -6.58
N CYS A 218 30.04 -1.67 -5.37
CA CYS A 218 29.81 -0.65 -4.36
C CYS A 218 31.11 -0.08 -3.83
N ALA A 219 32.07 -0.95 -3.57
CA ALA A 219 33.36 -0.51 -3.05
C ALA A 219 34.01 0.49 -4.01
N VAL A 220 33.97 0.15 -5.29
CA VAL A 220 34.55 0.95 -6.34
C VAL A 220 33.81 2.26 -6.59
N ALA A 221 32.49 2.22 -6.62
CA ALA A 221 31.74 3.46 -6.86
C ALA A 221 31.85 4.41 -5.66
N ILE A 222 31.83 3.86 -4.47
CA ILE A 222 31.97 4.68 -3.31
C ILE A 222 33.34 5.34 -3.30
N ALA A 223 34.34 4.70 -3.88
CA ALA A 223 35.70 5.23 -3.93
C ALA A 223 35.82 6.20 -5.10
N LYS A 224 34.69 6.45 -5.78
CA LYS A 224 34.61 7.37 -6.91
C LYS A 224 35.37 6.96 -8.17
N ASP A 225 35.55 5.65 -8.36
CA ASP A 225 36.25 5.16 -9.55
C ASP A 225 35.18 4.95 -10.63
N GLU A 226 34.83 6.01 -11.33
CA GLU A 226 33.80 5.96 -12.37
C GLU A 226 34.01 4.90 -13.47
N GLN A 227 35.20 4.84 -14.05
CA GLN A 227 35.45 3.89 -15.13
C GLN A 227 35.37 2.42 -14.73
N GLN A 228 35.89 2.09 -13.57
CA GLN A 228 35.84 0.71 -13.13
C GLN A 228 34.45 0.42 -12.55
N ALA A 229 33.75 1.47 -12.14
CA ALA A 229 32.42 1.25 -11.60
C ALA A 229 31.52 0.95 -12.78
N LYS A 230 31.79 1.62 -13.90
CA LYS A 230 30.99 1.42 -15.10
C LYS A 230 31.19 0.04 -15.71
N THR A 231 32.45 -0.40 -15.87
CA THR A 231 32.67 -1.71 -16.48
C THR A 231 32.39 -2.88 -15.55
N LEU A 232 32.42 -2.66 -14.24
CA LEU A 232 32.09 -3.75 -13.35
C LEU A 232 30.56 -3.88 -13.26
N ASN A 233 29.86 -2.76 -13.49
CA ASN A 233 28.40 -2.77 -13.45
C ASN A 233 27.85 -3.34 -14.75
N ASN A 234 28.49 -3.01 -15.87
CA ASN A 234 28.03 -3.50 -17.16
C ASN A 234 27.93 -5.01 -17.19
N LYS A 235 28.80 -5.68 -16.43
CA LYS A 235 28.78 -7.14 -16.40
C LYS A 235 27.48 -7.67 -15.80
N ILE A 236 26.89 -6.95 -14.86
CA ILE A 236 25.63 -7.35 -14.28
C ILE A 236 24.44 -6.43 -14.59
N ALA A 237 24.63 -5.46 -15.45
CA ALA A 237 23.58 -4.52 -15.80
C ALA A 237 22.35 -5.23 -16.31
N ASN A 238 22.53 -6.30 -17.07
CA ASN A 238 21.38 -7.03 -17.59
C ASN A 238 20.55 -7.59 -16.46
N LEU A 239 21.24 -8.14 -15.45
CA LEU A 239 20.54 -8.69 -14.29
C LEU A 239 19.64 -7.63 -13.70
N HIS A 240 20.14 -6.41 -13.60
CA HIS A 240 19.37 -5.31 -13.03
C HIS A 240 18.07 -5.13 -13.79
N ASN A 241 18.12 -5.38 -15.08
CA ASN A 241 16.94 -5.24 -15.95
C ASN A 241 15.94 -6.39 -15.80
N ILE A 242 16.38 -7.64 -15.98
CA ILE A 242 15.46 -8.77 -15.87
C ILE A 242 14.94 -9.11 -14.48
N LEU A 243 15.62 -8.64 -13.44
CA LEU A 243 15.11 -8.95 -12.11
C LEU A 243 13.80 -8.23 -11.82
N PHE A 244 13.34 -7.43 -12.76
CA PHE A 244 12.09 -6.70 -12.62
C PHE A 244 11.16 -6.91 -13.83
N CYS A 245 11.35 -8.02 -14.54
CA CYS A 245 10.50 -8.30 -15.70
C CYS A 245 9.06 -8.47 -15.21
N GLU A 246 8.92 -8.84 -13.95
CA GLU A 246 7.65 -8.97 -13.27
C GLU A 246 8.03 -8.34 -11.93
N SER A 247 7.05 -7.97 -11.10
CA SER A 247 7.33 -7.34 -9.83
C SER A 247 8.24 -8.09 -8.85
N ASN A 248 9.25 -7.36 -8.35
CA ASN A 248 10.18 -7.86 -7.36
C ASN A 248 9.29 -8.18 -6.16
N PRO A 249 9.59 -9.29 -5.44
CA PRO A 249 10.68 -10.25 -5.66
C PRO A 249 10.41 -11.48 -6.54
N ILE A 250 9.39 -11.50 -7.37
CA ILE A 250 9.09 -12.66 -8.20
C ILE A 250 10.32 -13.12 -8.99
N PRO A 251 10.90 -12.25 -9.80
CA PRO A 251 12.02 -12.75 -10.61
C PRO A 251 13.24 -13.23 -9.81
N VAL A 252 13.62 -12.45 -8.81
CA VAL A 252 14.79 -12.80 -8.02
C VAL A 252 14.60 -14.10 -7.24
N LYS A 253 13.37 -14.42 -6.88
CA LYS A 253 13.15 -15.67 -6.17
C LYS A 253 13.31 -16.85 -7.14
N TRP A 254 12.84 -16.68 -8.38
CA TRP A 254 12.96 -17.75 -9.37
C TRP A 254 14.42 -17.90 -9.76
N ALA A 255 15.14 -16.77 -9.78
CA ALA A 255 16.55 -16.79 -10.14
C ALA A 255 17.28 -17.65 -9.13
N LEU A 256 17.04 -17.37 -7.86
CA LEU A 256 17.64 -18.09 -6.76
C LEU A 256 17.27 -19.57 -6.78
N HIS A 257 16.18 -19.90 -7.47
CA HIS A 257 15.75 -21.29 -7.57
C HIS A 257 16.52 -21.95 -8.69
N GLU A 258 16.74 -21.20 -9.77
CA GLU A 258 17.48 -21.74 -10.88
C GLU A 258 18.94 -21.91 -10.48
N MET A 259 19.35 -21.24 -9.41
CA MET A 259 20.71 -21.31 -8.92
C MET A 259 20.84 -22.45 -7.92
N GLY A 260 19.72 -23.11 -7.62
CA GLY A 260 19.72 -24.23 -6.70
C GLY A 260 19.80 -23.84 -5.25
N LEU A 261 19.65 -22.55 -4.94
CA LEU A 261 19.75 -22.05 -3.56
C LEU A 261 18.45 -22.08 -2.75
N ILE A 262 17.31 -21.88 -3.41
CA ILE A 262 16.03 -21.93 -2.70
C ILE A 262 14.96 -22.68 -3.48
N ASP A 263 13.87 -23.01 -2.79
CA ASP A 263 12.74 -23.70 -3.43
C ASP A 263 11.82 -22.65 -4.07
N THR A 264 10.79 -23.13 -4.75
CA THR A 264 9.81 -22.30 -5.46
C THR A 264 8.78 -21.54 -4.62
N GLY A 265 8.75 -21.80 -3.31
CA GLY A 265 7.76 -21.12 -2.47
C GLY A 265 7.68 -19.61 -2.61
N ILE A 266 6.45 -19.14 -2.74
CA ILE A 266 6.15 -17.75 -2.88
C ILE A 266 4.66 -17.45 -2.57
N ARG A 267 4.40 -16.50 -1.71
CA ARG A 267 3.04 -16.24 -1.25
C ARG A 267 2.12 -15.29 -1.98
N LEU A 268 0.89 -15.75 -2.20
CA LEU A 268 -0.14 -14.96 -2.83
C LEU A 268 -0.30 -13.67 -2.05
N PRO A 269 -0.67 -12.57 -2.73
CA PRO A 269 -0.98 -12.52 -4.15
C PRO A 269 0.22 -12.60 -5.07
N LEU A 270 1.42 -12.83 -4.56
CA LEU A 270 2.54 -12.95 -5.51
C LEU A 270 2.49 -14.36 -6.11
N THR A 271 3.10 -14.52 -7.29
CA THR A 271 3.09 -15.79 -8.00
C THR A 271 4.46 -16.18 -8.55
N PRO A 272 4.68 -17.49 -8.82
CA PRO A 272 5.96 -17.97 -9.36
C PRO A 272 6.19 -17.24 -10.67
N LEU A 273 7.43 -16.89 -10.97
CA LEU A 273 7.74 -16.18 -12.21
C LEU A 273 7.04 -16.89 -13.35
N ALA A 274 6.37 -16.13 -14.22
CA ALA A 274 5.66 -16.72 -15.35
C ALA A 274 6.61 -17.47 -16.27
N GLU A 275 6.18 -18.63 -16.75
CA GLU A 275 6.94 -19.49 -17.65
C GLU A 275 7.69 -18.67 -18.73
N GLN A 276 7.01 -17.65 -19.23
CA GLN A 276 7.49 -16.73 -20.26
C GLN A 276 8.88 -16.11 -20.02
N TYR A 277 9.26 -15.92 -18.76
CA TYR A 277 10.52 -15.31 -18.41
C TYR A 277 11.59 -16.25 -17.82
N ARG A 278 11.23 -17.49 -17.56
CA ARG A 278 12.21 -18.40 -16.96
C ARG A 278 13.43 -18.65 -17.82
N GLU A 279 13.22 -18.91 -19.10
CA GLU A 279 14.36 -19.18 -19.98
C GLU A 279 15.20 -17.93 -20.23
N PRO A 280 14.57 -16.80 -20.57
CA PRO A 280 15.39 -15.61 -20.79
C PRO A 280 16.23 -15.29 -19.55
N LEU A 281 15.72 -15.67 -18.38
CA LEU A 281 16.42 -15.43 -17.11
C LEU A 281 17.57 -16.41 -16.92
N ARG A 282 17.34 -17.65 -17.32
CA ARG A 282 18.35 -18.69 -17.18
C ARG A 282 19.54 -18.25 -18.03
N ASN A 283 19.23 -17.68 -19.19
CA ASN A 283 20.23 -17.19 -20.13
C ASN A 283 20.93 -15.95 -19.60
N ALA A 284 20.21 -15.13 -18.84
CA ALA A 284 20.80 -13.92 -18.27
C ALA A 284 21.77 -14.30 -17.18
N LEU A 285 21.43 -15.37 -16.47
CA LEU A 285 22.27 -15.86 -15.39
C LEU A 285 23.54 -16.50 -15.96
N LYS A 286 23.42 -17.17 -17.11
CA LYS A 286 24.58 -17.80 -17.75
C LYS A 286 25.52 -16.74 -18.32
N ASP A 287 24.94 -15.78 -19.03
CA ASP A 287 25.68 -14.69 -19.64
C ASP A 287 26.52 -13.93 -18.60
N ALA A 288 26.08 -13.96 -17.35
CA ALA A 288 26.78 -13.25 -16.28
C ALA A 288 27.65 -14.20 -15.48
N GLY A 289 27.67 -15.48 -15.88
CA GLY A 289 28.49 -16.46 -15.20
C GLY A 289 27.99 -16.89 -13.84
N ILE A 290 26.75 -16.53 -13.51
CA ILE A 290 26.20 -16.93 -12.22
C ILE A 290 26.03 -18.44 -12.19
N ILE A 291 25.71 -19.01 -13.35
CA ILE A 291 25.59 -20.45 -13.50
C ILE A 291 25.92 -20.85 -14.93
N THR B 1 -28.34 -7.71 -5.57
CA THR B 1 -27.31 -6.73 -6.02
C THR B 1 -27.57 -5.35 -5.44
N ILE B 2 -26.63 -4.86 -4.63
CA ILE B 2 -26.74 -3.57 -3.99
C ILE B 2 -26.69 -2.43 -4.98
N GLN B 3 -27.60 -1.50 -4.87
CA GLN B 3 -27.66 -0.37 -5.79
C GLN B 3 -27.88 0.96 -5.08
N GLY B 4 -27.40 2.05 -5.68
CA GLY B 4 -27.63 3.37 -5.12
C GLY B 4 -26.47 4.13 -4.54
N SER B 5 -26.76 4.91 -3.51
CA SER B 5 -25.77 5.66 -2.81
C SER B 5 -25.22 4.75 -1.73
N ILE B 6 -23.94 4.46 -1.77
CA ILE B 6 -23.29 3.62 -0.82
C ILE B 6 -22.22 4.43 -0.14
N VAL B 7 -22.49 4.90 1.05
CA VAL B 7 -21.53 5.72 1.74
C VAL B 7 -20.34 4.98 2.30
N ALA B 8 -19.16 5.50 1.99
CA ALA B 8 -17.91 4.97 2.52
C ALA B 8 -17.80 5.81 3.79
N ILE B 9 -18.44 5.32 4.85
CA ILE B 9 -18.49 6.04 6.10
C ILE B 9 -17.17 6.22 6.83
N VAL B 10 -16.96 7.43 7.37
CA VAL B 10 -15.76 7.75 8.15
C VAL B 10 -15.93 7.02 9.48
N THR B 11 -14.87 6.81 10.24
CA THR B 11 -15.10 6.26 11.58
C THR B 11 -14.68 7.40 12.49
N PRO B 12 -15.67 8.06 13.10
CA PRO B 12 -15.54 9.20 14.02
C PRO B 12 -14.57 8.87 15.13
N MET B 13 -13.73 9.84 15.48
CA MET B 13 -12.76 9.64 16.54
C MET B 13 -12.72 10.82 17.50
N LEU B 14 -12.42 10.52 18.76
CA LEU B 14 -12.29 11.55 19.77
C LEU B 14 -10.93 12.21 19.54
N LYS B 15 -10.70 13.36 20.16
CA LYS B 15 -9.44 14.06 19.96
C LYS B 15 -8.22 13.15 20.13
N ASP B 16 -8.27 12.21 21.07
CA ASP B 16 -7.13 11.35 21.30
C ASP B 16 -7.05 10.10 20.41
N GLY B 17 -7.87 10.06 19.36
CA GLY B 17 -7.83 8.93 18.45
C GLY B 17 -8.79 7.79 18.70
N GLY B 18 -9.33 7.68 19.91
CA GLY B 18 -10.25 6.61 20.21
C GLY B 18 -11.50 6.71 19.35
N VAL B 19 -12.03 5.59 18.91
CA VAL B 19 -13.22 5.61 18.08
C VAL B 19 -14.37 6.22 18.88
N ASP B 20 -15.04 7.19 18.27
CA ASP B 20 -16.17 7.88 18.87
C ASP B 20 -17.43 7.08 18.52
N TRP B 21 -17.69 6.04 19.32
CA TRP B 21 -18.83 5.17 19.11
C TRP B 21 -20.20 5.85 19.08
N LYS B 22 -20.37 6.86 19.91
CA LYS B 22 -21.63 7.58 19.96
C LYS B 22 -21.92 8.33 18.68
N SER B 23 -20.90 9.02 18.14
CA SER B 23 -21.09 9.76 16.91
C SER B 23 -21.36 8.80 15.75
N LEU B 24 -20.65 7.67 15.75
CA LEU B 24 -20.83 6.68 14.70
C LEU B 24 -22.30 6.25 14.71
N GLU B 25 -22.82 5.93 15.89
CA GLU B 25 -24.21 5.50 16.02
C GLU B 25 -25.14 6.55 15.41
N LYS B 26 -24.91 7.81 15.76
CA LYS B 26 -25.73 8.89 15.23
C LYS B 26 -25.61 9.02 13.72
N LEU B 27 -24.41 8.82 13.17
CA LEU B 27 -24.24 8.94 11.72
C LEU B 27 -24.98 7.84 10.97
N VAL B 28 -24.84 6.60 11.44
CA VAL B 28 -25.53 5.49 10.79
C VAL B 28 -27.03 5.78 10.77
N GLU B 29 -27.55 6.22 11.90
CA GLU B 29 -28.97 6.54 12.03
C GLU B 29 -29.37 7.61 11.03
N TRP B 30 -28.57 8.67 10.95
CA TRP B 30 -28.80 9.78 10.05
C TRP B 30 -28.80 9.36 8.58
N HIS B 31 -27.87 8.50 8.20
CA HIS B 31 -27.79 8.03 6.82
C HIS B 31 -29.03 7.29 6.38
N ILE B 32 -29.53 6.44 7.24
CA ILE B 32 -30.73 5.68 6.99
C ILE B 32 -31.93 6.59 6.87
N GLU B 33 -31.96 7.57 7.72
CA GLU B 33 -33.00 8.59 7.74
C GLU B 33 -33.01 9.42 6.45
N GLN B 34 -31.82 9.88 6.07
CA GLN B 34 -31.62 10.72 4.90
C GLN B 34 -31.77 10.05 3.53
N GLY B 35 -31.71 8.72 3.48
CA GLY B 35 -31.89 8.03 2.20
C GLY B 35 -30.69 7.23 1.72
N THR B 36 -29.62 7.20 2.50
CA THR B 36 -28.48 6.40 2.14
C THR B 36 -28.92 4.94 1.98
N ASN B 37 -28.52 4.35 0.85
CA ASN B 37 -28.93 2.98 0.50
C ASN B 37 -28.09 1.84 1.05
N SER B 38 -26.84 2.14 1.39
CA SER B 38 -25.93 1.14 1.92
C SER B 38 -24.75 1.84 2.56
N ILE B 39 -24.06 1.17 3.46
CA ILE B 39 -22.86 1.66 4.12
C ILE B 39 -21.67 0.74 3.97
N VAL B 40 -20.52 1.28 3.69
CA VAL B 40 -19.32 0.49 3.64
C VAL B 40 -18.62 0.78 4.96
N ALA B 41 -18.49 -0.26 5.78
CA ALA B 41 -17.85 -0.11 7.06
C ALA B 41 -16.35 -0.33 6.90
N VAL B 42 -15.57 0.47 7.63
CA VAL B 42 -14.11 0.42 7.62
C VAL B 42 -13.41 0.24 6.29
N GLY B 43 -13.75 1.12 5.36
CA GLY B 43 -13.08 1.12 4.08
C GLY B 43 -11.95 2.15 4.22
N THR B 44 -11.48 2.64 3.09
CA THR B 44 -10.42 3.64 3.09
C THR B 44 -10.88 4.90 3.83
N THR B 45 -12.08 5.37 3.51
CA THR B 45 -12.60 6.55 4.15
C THR B 45 -12.79 6.36 5.65
N GLY B 46 -12.88 5.10 6.08
CA GLY B 46 -13.02 4.79 7.49
C GLY B 46 -11.69 4.47 8.16
N GLU B 47 -10.59 4.85 7.53
CA GLU B 47 -9.27 4.60 8.09
C GLU B 47 -9.01 3.17 8.49
N ALA B 48 -9.43 2.25 7.62
CA ALA B 48 -9.22 0.83 7.87
C ALA B 48 -7.76 0.56 8.20
N SER B 49 -6.82 1.20 7.51
CA SER B 49 -5.41 0.92 7.79
C SER B 49 -4.87 1.40 9.13
N THR B 50 -5.61 2.20 9.89
CA THR B 50 -5.08 2.61 11.21
C THR B 50 -5.92 2.13 12.41
N LEU B 51 -6.89 1.26 12.13
CA LEU B 51 -7.74 0.70 13.18
C LEU B 51 -7.20 -0.69 13.51
N SER B 52 -7.23 -1.08 14.79
CA SER B 52 -6.75 -2.40 15.18
C SER B 52 -7.73 -3.43 14.62
N MET B 53 -7.34 -4.69 14.61
CA MET B 53 -8.24 -5.72 14.08
C MET B 53 -9.51 -5.77 14.92
N GLU B 54 -9.36 -5.56 16.21
CA GLU B 54 -10.49 -5.58 17.13
C GLU B 54 -11.41 -4.38 16.85
N GLU B 55 -10.83 -3.21 16.61
CA GLU B 55 -11.64 -2.03 16.31
C GLU B 55 -12.39 -2.23 15.00
N HIS B 56 -11.74 -2.94 14.08
CA HIS B 56 -12.27 -3.27 12.76
C HIS B 56 -13.58 -4.02 12.98
N THR B 57 -13.45 -5.15 13.67
CA THR B 57 -14.57 -6.02 13.98
C THR B 57 -15.65 -5.23 14.70
N GLN B 58 -15.24 -4.42 15.68
CA GLN B 58 -16.19 -3.65 16.45
C GLN B 58 -16.97 -2.61 15.62
N VAL B 59 -16.29 -1.93 14.72
CA VAL B 59 -16.99 -0.94 13.89
C VAL B 59 -18.06 -1.59 13.01
N ILE B 60 -17.73 -2.74 12.44
CA ILE B 60 -18.66 -3.46 11.60
C ILE B 60 -19.83 -3.89 12.46
N LYS B 61 -19.50 -4.42 13.63
CA LYS B 61 -20.49 -4.90 14.58
C LYS B 61 -21.48 -3.80 14.96
N GLU B 62 -20.95 -2.61 15.29
CA GLU B 62 -21.78 -1.48 15.67
C GLU B 62 -22.63 -0.93 14.55
N ILE B 63 -22.06 -0.84 13.37
CA ILE B 63 -22.79 -0.33 12.23
C ILE B 63 -23.94 -1.29 11.91
N ILE B 64 -23.66 -2.60 11.99
CA ILE B 64 -24.69 -3.59 11.71
C ILE B 64 -25.80 -3.55 12.77
N ARG B 65 -25.40 -3.39 14.04
CA ARG B 65 -26.36 -3.31 15.13
C ARG B 65 -27.29 -2.13 14.93
N VAL B 66 -26.73 -0.96 14.71
CA VAL B 66 -27.54 0.22 14.53
C VAL B 66 -28.39 0.16 13.27
N ALA B 67 -27.82 -0.27 12.16
CA ALA B 67 -28.58 -0.35 10.91
C ALA B 67 -29.83 -1.23 11.08
N ASN B 68 -29.71 -2.26 11.92
CA ASN B 68 -30.80 -3.19 12.20
C ASN B 68 -31.50 -3.71 10.94
N LYS B 69 -30.72 -4.24 10.00
CA LYS B 69 -31.24 -4.81 8.75
C LYS B 69 -31.98 -3.85 7.81
N ARG B 70 -32.07 -2.56 8.17
CA ARG B 70 -32.77 -1.60 7.32
C ARG B 70 -32.10 -1.41 5.94
N ILE B 71 -30.79 -1.53 5.89
CA ILE B 71 -29.98 -1.41 4.68
C ILE B 71 -28.82 -2.37 4.70
N PRO B 72 -28.36 -2.81 3.54
CA PRO B 72 -27.22 -3.73 3.44
C PRO B 72 -25.94 -3.08 3.94
N ILE B 73 -25.16 -3.82 4.70
CA ILE B 73 -23.88 -3.36 5.16
C ILE B 73 -22.73 -4.05 4.45
N ILE B 74 -21.82 -3.31 3.84
CA ILE B 74 -20.62 -3.86 3.25
C ILE B 74 -19.41 -3.64 4.13
N ALA B 75 -18.68 -4.71 4.37
CA ALA B 75 -17.49 -4.60 5.18
C ALA B 75 -16.22 -4.53 4.36
N GLY B 76 -15.36 -3.57 4.69
CA GLY B 76 -14.10 -3.45 3.98
C GLY B 76 -13.17 -4.51 4.57
N THR B 77 -12.70 -5.42 3.73
CA THR B 77 -11.86 -6.49 4.23
C THR B 77 -10.65 -6.76 3.36
N GLY B 78 -10.23 -5.78 2.56
CA GLY B 78 -9.07 -5.99 1.71
C GLY B 78 -7.75 -5.97 2.45
N ALA B 79 -6.78 -6.72 1.95
CA ALA B 79 -5.45 -6.80 2.54
C ALA B 79 -4.49 -7.08 1.39
N ASN B 80 -3.19 -6.87 1.59
CA ASN B 80 -2.27 -7.16 0.50
C ASN B 80 -1.68 -8.56 0.67
N SER B 81 -2.29 -9.31 1.57
CA SER B 81 -1.91 -10.69 1.82
C SER B 81 -3.19 -11.48 1.53
N THR B 82 -3.06 -12.52 0.74
CA THR B 82 -4.22 -13.34 0.43
C THR B 82 -4.73 -14.06 1.69
N ARG B 83 -3.81 -14.60 2.48
CA ARG B 83 -4.16 -15.27 3.73
C ARG B 83 -4.95 -14.29 4.59
N GLU B 84 -4.39 -13.10 4.77
CA GLU B 84 -4.99 -12.05 5.58
C GLU B 84 -6.39 -11.64 5.11
N ALA B 85 -6.58 -11.50 3.80
CA ALA B 85 -7.86 -11.11 3.25
C ALA B 85 -8.94 -12.16 3.51
N ILE B 86 -8.58 -13.43 3.41
CA ILE B 86 -9.54 -14.49 3.67
C ILE B 86 -9.99 -14.41 5.12
N GLU B 87 -9.02 -14.24 6.02
CA GLU B 87 -9.31 -14.12 7.46
C GLU B 87 -10.30 -12.99 7.73
N LEU B 88 -9.98 -11.81 7.21
CA LEU B 88 -10.85 -10.63 7.39
C LEU B 88 -12.22 -10.80 6.76
N THR B 89 -12.28 -11.47 5.62
CA THR B 89 -13.53 -11.67 4.93
C THR B 89 -14.41 -12.72 5.62
N LYS B 90 -13.79 -13.73 6.25
CA LYS B 90 -14.55 -14.74 6.98
C LYS B 90 -15.16 -14.04 8.20
N ALA B 91 -14.34 -13.24 8.87
CA ALA B 91 -14.76 -12.49 10.03
C ALA B 91 -16.00 -11.67 9.70
N ALA B 92 -15.93 -10.90 8.62
CA ALA B 92 -17.05 -10.06 8.19
C ALA B 92 -18.30 -10.90 7.96
N LYS B 93 -18.13 -12.06 7.32
CA LYS B 93 -19.24 -12.97 7.06
C LYS B 93 -19.90 -13.40 8.37
N ASP B 94 -19.10 -13.90 9.30
CA ASP B 94 -19.61 -14.34 10.59
C ASP B 94 -20.22 -13.20 11.41
N LEU B 95 -19.90 -11.95 11.06
CA LEU B 95 -20.45 -10.81 11.79
C LEU B 95 -21.80 -10.38 11.21
N GLY B 96 -22.15 -10.92 10.04
CA GLY B 96 -23.42 -10.60 9.44
C GLY B 96 -23.38 -9.59 8.31
N ALA B 97 -22.18 -9.28 7.83
CA ALA B 97 -22.05 -8.33 6.73
C ALA B 97 -22.71 -8.90 5.48
N ASP B 98 -23.32 -8.04 4.68
CA ASP B 98 -24.01 -8.48 3.46
C ASP B 98 -23.09 -8.75 2.30
N ALA B 99 -21.93 -8.10 2.31
CA ALA B 99 -20.93 -8.26 1.27
C ALA B 99 -19.62 -7.69 1.78
N ALA B 100 -18.55 -7.93 1.04
CA ALA B 100 -17.24 -7.43 1.44
C ALA B 100 -16.61 -6.69 0.27
N LEU B 101 -15.96 -5.58 0.59
CA LEU B 101 -15.28 -4.78 -0.42
C LEU B 101 -13.78 -5.00 -0.24
N LEU B 102 -13.10 -5.51 -1.26
CA LEU B 102 -11.67 -5.77 -1.15
C LEU B 102 -10.81 -5.01 -2.15
N VAL B 103 -10.08 -4.02 -1.68
CA VAL B 103 -9.20 -3.27 -2.57
C VAL B 103 -8.12 -4.20 -3.07
N THR B 104 -7.59 -3.93 -4.24
CA THR B 104 -6.51 -4.76 -4.76
C THR B 104 -5.32 -4.66 -3.83
N PRO B 105 -4.56 -5.76 -3.69
CA PRO B 105 -3.37 -5.74 -2.85
C PRO B 105 -2.50 -4.52 -3.22
N TYR B 106 -2.17 -3.72 -2.22
CA TYR B 106 -1.38 -2.52 -2.43
C TYR B 106 0.07 -2.74 -2.04
N TYR B 107 0.93 -1.83 -2.47
CA TYR B 107 2.35 -1.89 -2.16
C TYR B 107 3.18 -3.04 -2.74
N ASN B 108 2.73 -4.29 -2.63
CA ASN B 108 3.54 -5.40 -3.17
C ASN B 108 3.40 -5.72 -4.66
N LYS B 109 2.59 -4.94 -5.38
CA LYS B 109 2.42 -5.08 -6.81
C LYS B 109 2.24 -6.46 -7.46
N PRO B 110 1.16 -7.20 -7.11
CA PRO B 110 1.00 -8.51 -7.75
C PRO B 110 0.73 -8.35 -9.27
N THR B 111 0.97 -9.41 -10.04
CA THR B 111 0.74 -9.39 -11.48
C THR B 111 -0.77 -9.47 -11.76
N GLN B 112 -1.16 -9.40 -13.01
CA GLN B 112 -2.58 -9.51 -13.33
C GLN B 112 -3.04 -10.91 -12.90
N GLU B 113 -2.23 -11.92 -13.19
CA GLU B 113 -2.55 -13.30 -12.84
C GLU B 113 -2.56 -13.44 -11.32
N GLY B 114 -1.68 -12.69 -10.65
CA GLY B 114 -1.65 -12.74 -9.20
C GLY B 114 -2.93 -12.15 -8.61
N LEU B 115 -3.45 -11.13 -9.28
CA LEU B 115 -4.69 -10.48 -8.85
C LEU B 115 -5.86 -11.42 -9.03
N TYR B 116 -5.83 -12.15 -10.13
CA TYR B 116 -6.88 -13.10 -10.45
C TYR B 116 -6.86 -14.25 -9.42
N GLN B 117 -5.67 -14.78 -9.12
CA GLN B 117 -5.55 -15.86 -8.14
C GLN B 117 -5.88 -15.40 -6.73
N HIS B 118 -5.51 -14.16 -6.41
CA HIS B 118 -5.77 -13.60 -5.09
C HIS B 118 -7.28 -13.55 -4.84
N TYR B 119 -8.02 -12.94 -5.76
CA TYR B 119 -9.47 -12.84 -5.63
C TYR B 119 -10.20 -14.17 -5.78
N LYS B 120 -9.69 -15.03 -6.65
CA LYS B 120 -10.30 -16.33 -6.83
C LYS B 120 -10.21 -17.13 -5.53
N ALA B 121 -9.03 -17.11 -4.92
CA ALA B 121 -8.81 -17.85 -3.68
C ALA B 121 -9.74 -17.39 -2.56
N ILE B 122 -9.96 -16.08 -2.48
CA ILE B 122 -10.85 -15.55 -1.44
C ILE B 122 -12.30 -15.95 -1.72
N ALA B 123 -12.70 -15.85 -2.98
CA ALA B 123 -14.05 -16.19 -3.35
C ALA B 123 -14.38 -17.63 -2.97
N GLU B 124 -13.45 -18.53 -3.22
CA GLU B 124 -13.68 -19.95 -2.93
C GLU B 124 -13.60 -20.30 -1.44
N ALA B 125 -12.89 -19.49 -0.66
CA ALA B 125 -12.75 -19.75 0.77
C ALA B 125 -13.91 -19.18 1.61
N VAL B 126 -14.55 -18.13 1.10
CA VAL B 126 -15.65 -17.52 1.83
C VAL B 126 -16.89 -17.33 0.96
N GLU B 127 -18.02 -17.87 1.44
CA GLU B 127 -19.28 -17.75 0.72
C GLU B 127 -19.93 -16.45 1.15
N LEU B 128 -19.55 -15.38 0.47
CA LEU B 128 -20.07 -14.05 0.73
C LEU B 128 -19.85 -13.25 -0.54
N PRO B 129 -20.81 -12.39 -0.90
CA PRO B 129 -20.65 -11.59 -2.11
C PRO B 129 -19.42 -10.69 -1.94
N LEU B 130 -18.55 -10.67 -2.96
CA LEU B 130 -17.34 -9.86 -2.91
C LEU B 130 -17.35 -8.76 -3.96
N ILE B 131 -16.87 -7.59 -3.58
CA ILE B 131 -16.79 -6.48 -4.50
C ILE B 131 -15.33 -6.08 -4.63
N LEU B 132 -14.82 -6.15 -5.85
CA LEU B 132 -13.44 -5.77 -6.12
C LEU B 132 -13.35 -4.23 -5.99
N TYR B 133 -12.13 -3.73 -5.86
CA TYR B 133 -11.92 -2.30 -5.68
C TYR B 133 -10.58 -1.89 -6.25
N ASN B 134 -10.63 -1.18 -7.37
CA ASN B 134 -9.45 -0.71 -8.07
C ASN B 134 -9.24 0.78 -7.93
N VAL B 135 -8.12 1.17 -7.31
CA VAL B 135 -7.77 2.59 -7.12
C VAL B 135 -6.25 2.59 -7.27
N PRO B 136 -5.76 2.48 -8.51
CA PRO B 136 -4.34 2.43 -8.90
C PRO B 136 -3.43 3.48 -8.26
N GLY B 137 -3.95 4.69 -8.05
CA GLY B 137 -3.12 5.75 -7.47
C GLY B 137 -2.68 5.51 -6.04
N ARG B 138 -3.41 4.66 -5.32
CA ARG B 138 -3.10 4.35 -3.93
C ARG B 138 -2.35 3.04 -3.76
N THR B 139 -2.67 2.09 -4.65
CA THR B 139 -2.12 0.76 -4.58
C THR B 139 -0.84 0.46 -5.32
N GLY B 140 -0.57 1.16 -6.41
CA GLY B 140 0.63 0.88 -7.17
C GLY B 140 0.36 -0.24 -8.17
N VAL B 141 -0.90 -0.64 -8.24
CA VAL B 141 -1.31 -1.69 -9.16
C VAL B 141 -2.65 -1.33 -9.79
N ASP B 142 -2.84 -1.72 -11.05
CA ASP B 142 -4.07 -1.42 -11.77
C ASP B 142 -4.72 -2.70 -12.30
N LEU B 143 -5.83 -3.10 -11.69
CA LEU B 143 -6.54 -4.30 -12.13
C LEU B 143 -7.21 -3.94 -13.46
N SER B 144 -6.71 -4.54 -14.54
CA SER B 144 -7.21 -4.27 -15.89
C SER B 144 -8.65 -4.71 -16.10
N ASN B 145 -9.29 -4.11 -17.10
CA ASN B 145 -10.66 -4.45 -17.43
C ASN B 145 -10.71 -5.93 -17.82
N ASP B 146 -9.64 -6.42 -18.46
CA ASP B 146 -9.58 -7.83 -18.88
C ASP B 146 -9.59 -8.75 -17.67
N THR B 147 -8.78 -8.43 -16.66
CA THR B 147 -8.74 -9.27 -15.47
C THR B 147 -10.07 -9.20 -14.73
N ALA B 148 -10.77 -8.07 -14.86
CA ALA B 148 -12.06 -7.89 -14.19
C ALA B 148 -13.11 -8.80 -14.82
N VAL B 149 -13.11 -8.81 -16.14
CA VAL B 149 -14.03 -9.65 -16.89
C VAL B 149 -13.79 -11.11 -16.49
N ARG B 150 -12.54 -11.51 -16.35
CA ARG B 150 -12.20 -12.87 -15.94
C ARG B 150 -12.82 -13.22 -14.59
N LEU B 151 -12.58 -12.33 -13.63
CA LEU B 151 -13.08 -12.50 -12.29
C LEU B 151 -14.59 -12.49 -12.19
N ALA B 152 -15.25 -11.80 -13.12
CA ALA B 152 -16.71 -11.71 -13.10
C ALA B 152 -17.38 -13.04 -13.42
N GLU B 153 -16.62 -14.05 -13.83
CA GLU B 153 -17.19 -15.38 -14.11
C GLU B 153 -17.47 -16.11 -12.81
N ILE B 154 -16.69 -15.81 -11.81
CA ILE B 154 -16.81 -16.43 -10.52
C ILE B 154 -18.13 -16.03 -9.86
N PRO B 155 -18.94 -17.02 -9.47
CA PRO B 155 -20.28 -16.81 -8.91
C PRO B 155 -20.46 -15.75 -7.81
N ASN B 156 -19.61 -15.74 -6.79
CA ASN B 156 -19.79 -14.74 -5.73
C ASN B 156 -18.97 -13.47 -5.81
N ILE B 157 -18.30 -13.25 -6.92
CA ILE B 157 -17.72 -11.96 -7.19
C ILE B 157 -18.80 -11.12 -7.83
N VAL B 158 -19.49 -10.36 -7.00
CA VAL B 158 -20.65 -9.66 -7.51
C VAL B 158 -20.46 -8.23 -8.03
N GLY B 159 -19.26 -7.66 -7.89
CA GLY B 159 -19.08 -6.29 -8.35
C GLY B 159 -17.69 -5.71 -8.27
N ILE B 160 -17.49 -4.54 -8.84
CA ILE B 160 -16.24 -3.82 -8.84
C ILE B 160 -16.40 -2.32 -8.55
N LYS B 161 -15.59 -1.82 -7.65
CA LYS B 161 -15.58 -0.40 -7.39
C LYS B 161 -14.46 0.16 -8.26
N ASP B 162 -14.86 0.89 -9.30
CA ASP B 162 -13.92 1.49 -10.24
C ASP B 162 -13.62 2.92 -9.79
N ALA B 163 -12.45 3.12 -9.19
CA ALA B 163 -12.09 4.44 -8.72
C ALA B 163 -11.17 5.25 -9.63
N THR B 164 -10.95 4.77 -10.85
CA THR B 164 -10.08 5.47 -11.78
C THR B 164 -10.55 6.88 -12.12
N GLY B 165 -11.86 7.08 -12.19
CA GLY B 165 -12.38 8.39 -12.53
C GLY B 165 -12.26 8.65 -14.03
N ASP B 166 -11.93 7.57 -14.74
CA ASP B 166 -11.76 7.59 -16.20
C ASP B 166 -13.05 7.01 -16.79
N VAL B 167 -14.00 7.90 -17.06
CA VAL B 167 -15.31 7.47 -17.58
C VAL B 167 -15.29 6.65 -18.86
N PRO B 168 -14.51 7.08 -19.87
CA PRO B 168 -14.50 6.27 -21.09
C PRO B 168 -14.03 4.86 -20.77
N ARG B 169 -13.05 4.76 -19.87
CA ARG B 169 -12.55 3.46 -19.48
C ARG B 169 -13.65 2.69 -18.78
N GLY B 170 -14.42 3.39 -17.96
CA GLY B 170 -15.51 2.75 -17.25
C GLY B 170 -16.58 2.29 -18.21
N LYS B 171 -16.75 3.03 -19.30
CA LYS B 171 -17.72 2.67 -20.32
C LYS B 171 -17.33 1.34 -20.91
N ALA B 172 -16.04 1.21 -21.19
CA ALA B 172 -15.48 -0.03 -21.74
C ALA B 172 -15.62 -1.18 -20.76
N LEU B 173 -15.49 -0.90 -19.47
CA LEU B 173 -15.61 -1.94 -18.44
C LEU B 173 -17.06 -2.41 -18.36
N ILE B 174 -17.99 -1.50 -18.32
CA ILE B 174 -19.39 -1.83 -18.23
C ILE B 174 -19.74 -2.66 -19.42
N ASP B 175 -19.26 -2.26 -20.56
CA ASP B 175 -19.57 -2.99 -21.77
C ASP B 175 -18.97 -4.39 -21.87
N ALA B 176 -17.70 -4.52 -21.48
CA ALA B 176 -17.04 -5.81 -21.56
C ALA B 176 -17.59 -6.84 -20.57
N LEU B 177 -18.08 -6.37 -19.43
CA LEU B 177 -18.61 -7.25 -18.39
C LEU B 177 -19.90 -7.99 -18.73
N ASN B 178 -20.66 -7.48 -19.70
CA ASN B 178 -21.93 -8.11 -20.09
C ASN B 178 -22.81 -8.43 -18.88
N GLY B 179 -22.83 -7.51 -17.91
CA GLY B 179 -23.66 -7.70 -16.74
C GLY B 179 -23.21 -8.73 -15.71
N LYS B 180 -22.15 -9.47 -16.00
CA LYS B 180 -21.70 -10.50 -15.08
C LYS B 180 -21.45 -10.04 -13.63
N MET B 181 -21.05 -8.79 -13.46
CA MET B 181 -20.88 -8.25 -12.11
C MET B 181 -21.21 -6.77 -12.17
N ALA B 182 -21.58 -6.19 -11.04
CA ALA B 182 -21.93 -4.78 -11.03
C ALA B 182 -20.71 -3.87 -11.04
N VAL B 183 -20.93 -2.63 -11.48
CA VAL B 183 -19.86 -1.64 -11.49
C VAL B 183 -20.34 -0.50 -10.60
N TYR B 184 -19.46 -0.06 -9.72
CA TYR B 184 -19.74 1.03 -8.79
C TYR B 184 -18.67 2.10 -9.02
N SER B 185 -19.07 3.35 -8.90
CA SER B 185 -18.11 4.41 -9.05
C SER B 185 -17.36 4.61 -7.74
N GLY B 186 -16.08 4.93 -7.86
CA GLY B 186 -15.29 5.19 -6.67
C GLY B 186 -14.74 6.60 -6.77
N ASP B 187 -15.31 7.34 -7.72
CA ASP B 187 -14.94 8.71 -8.01
C ASP B 187 -16.17 9.61 -8.04
N ASP B 188 -16.39 10.31 -6.92
CA ASP B 188 -17.53 11.21 -6.76
C ASP B 188 -17.73 12.22 -7.90
N GLU B 189 -16.64 12.83 -8.37
CA GLU B 189 -16.77 13.81 -9.44
C GLU B 189 -17.47 13.26 -10.70
N THR B 190 -17.16 12.02 -11.07
CA THR B 190 -17.78 11.43 -12.27
C THR B 190 -18.85 10.34 -12.05
N ALA B 191 -19.16 10.04 -10.78
CA ALA B 191 -20.12 9.00 -10.45
C ALA B 191 -21.45 9.08 -11.21
N TRP B 192 -22.04 10.26 -11.28
CA TRP B 192 -23.32 10.38 -12.00
C TRP B 192 -23.16 9.96 -13.46
N GLU B 193 -21.99 10.24 -14.04
CA GLU B 193 -21.73 9.87 -15.42
C GLU B 193 -21.59 8.35 -15.59
N LEU B 194 -20.91 7.69 -14.66
CA LEU B 194 -20.74 6.24 -14.75
C LEU B 194 -22.07 5.55 -14.55
N MET B 195 -22.91 6.10 -13.68
CA MET B 195 -24.23 5.52 -13.41
C MET B 195 -25.15 5.73 -14.61
N LEU B 196 -25.02 6.87 -15.30
CA LEU B 196 -25.84 7.10 -16.47
C LEU B 196 -25.41 6.07 -17.52
N LEU B 197 -24.16 5.64 -17.45
CA LEU B 197 -23.64 4.65 -18.39
C LEU B 197 -23.97 3.20 -18.02
N GLY B 198 -24.52 3.00 -16.83
CA GLY B 198 -24.89 1.65 -16.43
C GLY B 198 -24.33 1.18 -15.09
N ALA B 199 -23.61 2.04 -14.38
CA ALA B 199 -23.09 1.66 -13.08
C ALA B 199 -24.27 1.48 -12.13
N ASP B 200 -24.15 0.52 -11.23
CA ASP B 200 -25.23 0.26 -10.26
C ASP B 200 -25.25 1.17 -9.04
N GLY B 201 -24.24 2.03 -8.89
CA GLY B 201 -24.20 2.89 -7.72
C GLY B 201 -22.91 3.65 -7.53
N ASN B 202 -22.78 4.29 -6.38
CA ASN B 202 -21.61 5.08 -6.07
C ASN B 202 -21.15 4.86 -4.62
N ILE B 203 -19.99 4.25 -4.44
CA ILE B 203 -19.45 4.06 -3.11
C ILE B 203 -18.76 5.39 -2.93
N SER B 204 -19.57 6.28 -2.34
CA SER B 204 -19.27 7.71 -2.16
C SER B 204 -18.69 8.27 -0.89
N VAL B 205 -17.80 9.24 -1.06
CA VAL B 205 -17.18 9.95 0.05
C VAL B 205 -18.08 11.13 0.35
N THR B 206 -18.54 11.78 -0.71
CA THR B 206 -19.43 12.93 -0.59
C THR B 206 -20.73 12.61 0.13
N ALA B 207 -21.21 11.38 0.00
CA ALA B 207 -22.45 10.97 0.67
C ALA B 207 -22.35 11.13 2.18
N ASN B 208 -21.12 11.28 2.69
CA ASN B 208 -20.85 11.48 4.11
C ASN B 208 -21.43 12.81 4.61
N ILE B 209 -21.43 13.82 3.74
CA ILE B 209 -21.91 15.12 4.14
C ILE B 209 -23.20 15.52 3.46
N ALA B 210 -23.52 14.89 2.34
CA ALA B 210 -24.75 15.18 1.61
C ALA B 210 -25.43 13.88 1.23
N PRO B 211 -25.87 13.10 2.22
CA PRO B 211 -26.53 11.82 1.93
C PRO B 211 -27.87 11.90 1.19
N LYS B 212 -28.74 12.85 1.54
CA LYS B 212 -30.02 12.95 0.83
C LYS B 212 -29.75 13.28 -0.65
N ALA B 213 -28.92 14.28 -0.90
CA ALA B 213 -28.59 14.68 -2.25
C ALA B 213 -27.94 13.58 -3.08
N MET B 214 -26.95 12.89 -2.53
CA MET B 214 -26.29 11.82 -3.28
C MET B 214 -27.24 10.66 -3.52
N SER B 215 -28.21 10.50 -2.62
CA SER B 215 -29.17 9.42 -2.78
C SER B 215 -30.08 9.70 -3.98
N GLU B 216 -30.51 10.95 -4.15
CA GLU B 216 -31.37 11.28 -5.30
C GLU B 216 -30.55 11.26 -6.57
N VAL B 217 -29.32 11.79 -6.51
CA VAL B 217 -28.45 11.79 -7.68
C VAL B 217 -28.31 10.36 -8.20
N CYS B 218 -28.03 9.42 -7.31
CA CYS B 218 -27.88 8.02 -7.70
C CYS B 218 -29.12 7.41 -8.32
N ALA B 219 -30.25 7.59 -7.67
CA ALA B 219 -31.51 7.03 -8.17
C ALA B 219 -31.87 7.57 -9.54
N VAL B 220 -31.69 8.87 -9.70
CA VAL B 220 -32.01 9.49 -10.98
C VAL B 220 -31.05 9.11 -12.10
N ALA B 221 -29.77 8.91 -11.77
CA ALA B 221 -28.79 8.55 -12.79
C ALA B 221 -28.96 7.09 -13.16
N ILE B 222 -29.25 6.26 -12.17
CA ILE B 222 -29.46 4.83 -12.43
C ILE B 222 -30.69 4.66 -13.31
N ALA B 223 -31.65 5.57 -13.16
CA ALA B 223 -32.87 5.54 -13.95
C ALA B 223 -32.60 6.08 -15.36
N LYS B 224 -31.39 6.59 -15.54
CA LYS B 224 -30.92 7.14 -16.80
C LYS B 224 -31.67 8.41 -17.23
N ASP B 225 -31.93 9.27 -16.24
CA ASP B 225 -32.57 10.57 -16.48
C ASP B 225 -31.39 11.53 -16.50
N GLU B 226 -30.77 11.64 -17.66
CA GLU B 226 -29.60 12.49 -17.83
C GLU B 226 -29.74 13.94 -17.39
N GLN B 227 -30.84 14.59 -17.79
CA GLN B 227 -31.05 15.99 -17.44
C GLN B 227 -31.16 16.22 -15.94
N GLN B 228 -31.91 15.36 -15.26
CA GLN B 228 -32.11 15.52 -13.84
C GLN B 228 -30.89 15.10 -13.03
N ALA B 229 -30.12 14.15 -13.55
CA ALA B 229 -28.92 13.72 -12.84
C ALA B 229 -27.84 14.80 -12.94
N LYS B 230 -27.79 15.49 -14.07
CA LYS B 230 -26.80 16.54 -14.23
C LYS B 230 -27.12 17.74 -13.37
N THR B 231 -28.37 18.21 -13.39
CA THR B 231 -28.68 19.38 -12.59
C THR B 231 -28.67 19.07 -11.09
N LEU B 232 -29.01 17.84 -10.72
CA LEU B 232 -28.95 17.50 -9.29
C LEU B 232 -27.49 17.44 -8.86
N ASN B 233 -26.64 16.84 -9.69
CA ASN B 233 -25.22 16.72 -9.37
C ASN B 233 -24.53 18.08 -9.40
N ASN B 234 -25.02 18.99 -10.23
CA ASN B 234 -24.43 20.33 -10.31
C ASN B 234 -24.45 21.04 -8.96
N LYS B 235 -25.50 20.79 -8.18
CA LYS B 235 -25.66 21.42 -6.86
C LYS B 235 -24.63 20.95 -5.84
N ILE B 236 -24.06 19.79 -6.02
CA ILE B 236 -23.09 19.29 -5.09
C ILE B 236 -21.74 19.01 -5.73
N ALA B 237 -21.57 19.45 -6.96
CA ALA B 237 -20.33 19.23 -7.70
C ALA B 237 -19.09 19.84 -7.07
N ASN B 238 -19.23 21.02 -6.48
CA ASN B 238 -18.09 21.66 -5.85
C ASN B 238 -17.61 20.85 -4.65
N LEU B 239 -18.52 20.14 -4.01
CA LEU B 239 -18.14 19.30 -2.87
C LEU B 239 -17.19 18.18 -3.31
N HIS B 240 -17.55 17.46 -4.39
CA HIS B 240 -16.72 16.35 -4.89
C HIS B 240 -15.28 16.78 -5.09
N ASN B 241 -15.06 18.04 -5.42
CA ASN B 241 -13.71 18.52 -5.65
C ASN B 241 -13.00 18.96 -4.36
N ILE B 242 -13.71 19.64 -3.49
CA ILE B 242 -13.18 20.13 -2.26
C ILE B 242 -12.86 19.03 -1.24
N LEU B 243 -13.68 18.01 -1.23
CA LEU B 243 -13.46 16.89 -0.33
C LEU B 243 -12.17 16.11 -0.62
N PHE B 244 -11.38 16.58 -1.57
CA PHE B 244 -10.12 15.92 -1.91
C PHE B 244 -8.97 16.91 -2.02
N CYS B 245 -9.05 18.03 -1.29
CA CYS B 245 -7.97 19.03 -1.35
C CYS B 245 -6.71 18.45 -0.74
N GLU B 246 -6.91 17.63 0.27
CA GLU B 246 -5.90 16.76 0.75
C GLU B 246 -6.49 15.34 0.67
N SER B 247 -5.65 14.37 0.87
CA SER B 247 -6.04 12.98 0.76
C SER B 247 -7.22 12.62 1.61
N ASN B 248 -8.19 11.97 1.01
CA ASN B 248 -9.38 11.47 1.68
C ASN B 248 -8.85 10.42 2.67
N PRO B 249 -9.45 10.35 3.88
CA PRO B 249 -10.56 11.13 4.46
C PRO B 249 -10.24 12.43 5.21
N ILE B 250 -9.08 12.99 5.01
CA ILE B 250 -8.73 14.18 5.73
C ILE B 250 -9.77 15.31 5.58
N PRO B 251 -10.18 15.65 4.37
CA PRO B 251 -11.19 16.73 4.24
C PRO B 251 -12.62 16.41 4.70
N VAL B 252 -13.12 15.23 4.33
CA VAL B 252 -14.49 14.86 4.71
C VAL B 252 -14.68 14.78 6.23
N LYS B 253 -13.62 14.42 6.95
CA LYS B 253 -13.70 14.34 8.42
C LYS B 253 -13.81 15.75 8.98
N TRP B 254 -13.05 16.67 8.42
CA TRP B 254 -13.11 18.03 8.89
C TRP B 254 -14.44 18.67 8.53
N ALA B 255 -14.96 18.34 7.35
CA ALA B 255 -16.25 18.88 6.93
C ALA B 255 -17.29 18.49 7.95
N LEU B 256 -17.33 17.20 8.25
CA LEU B 256 -18.25 16.63 9.23
C LEU B 256 -18.08 17.29 10.60
N HIS B 257 -16.86 17.71 10.94
CA HIS B 257 -16.61 18.39 12.21
C HIS B 257 -17.19 19.81 12.16
N GLU B 258 -17.06 20.45 11.01
CA GLU B 258 -17.60 21.79 10.85
C GLU B 258 -19.12 21.70 10.92
N MET B 259 -19.67 20.54 10.56
CA MET B 259 -21.11 20.31 10.59
C MET B 259 -21.58 19.99 12.01
N GLY B 260 -20.61 19.85 12.91
CA GLY B 260 -20.92 19.57 14.29
C GLY B 260 -21.28 18.13 14.59
N LEU B 261 -21.03 17.22 13.65
CA LEU B 261 -21.37 15.82 13.85
C LEU B 261 -20.24 14.98 14.45
N ILE B 262 -18.99 15.26 14.10
CA ILE B 262 -17.91 14.49 14.70
C ILE B 262 -16.83 15.37 15.29
N ASP B 263 -15.93 14.75 16.04
CA ASP B 263 -14.81 15.45 16.66
C ASP B 263 -13.65 15.51 15.67
N THR B 264 -12.54 16.11 16.10
CA THR B 264 -11.37 16.29 15.25
C THR B 264 -10.43 15.10 15.11
N GLY B 265 -10.68 14.01 15.83
CA GLY B 265 -9.80 12.87 15.78
C GLY B 265 -9.53 12.25 14.41
N ILE B 266 -8.28 11.96 14.18
CA ILE B 266 -7.80 11.29 13.00
C ILE B 266 -6.45 10.70 13.35
N ARG B 267 -6.14 9.52 12.90
CA ARG B 267 -4.89 8.87 13.28
C ARG B 267 -3.69 8.98 12.34
N LEU B 268 -2.51 9.20 12.90
CA LEU B 268 -1.28 9.30 12.13
C LEU B 268 -1.09 8.00 11.37
N PRO B 269 -0.44 8.03 10.20
CA PRO B 269 0.15 9.19 9.53
C PRO B 269 -0.82 10.23 8.98
N LEU B 270 -2.13 10.02 9.11
CA LEU B 270 -3.06 11.03 8.62
C LEU B 270 -3.08 12.21 9.57
N THR B 271 -3.40 13.40 9.06
CA THR B 271 -3.44 14.62 9.86
C THR B 271 -4.71 15.43 9.65
N PRO B 272 -5.10 16.22 10.67
CA PRO B 272 -6.31 17.03 10.53
C PRO B 272 -6.12 18.00 9.35
N LEU B 273 -7.21 18.33 8.65
CA LEU B 273 -7.14 19.23 7.50
C LEU B 273 -6.26 20.46 7.74
N ALA B 274 -5.36 20.75 6.81
CA ALA B 274 -4.46 21.89 6.94
C ALA B 274 -5.26 23.19 7.03
N GLU B 275 -4.80 24.13 7.86
CA GLU B 275 -5.46 25.42 8.06
C GLU B 275 -5.93 26.12 6.79
N GLN B 276 -5.02 26.29 5.84
CA GLN B 276 -5.34 26.95 4.57
C GLN B 276 -6.62 26.45 3.90
N TYR B 277 -7.02 25.20 4.19
CA TYR B 277 -8.21 24.62 3.58
C TYR B 277 -9.51 24.73 4.36
N ARG B 278 -9.43 24.92 5.67
CA ARG B 278 -10.63 24.97 6.49
C ARG B 278 -11.69 26.00 6.10
N GLU B 279 -11.29 27.23 5.76
CA GLU B 279 -12.29 28.23 5.40
C GLU B 279 -12.91 27.94 4.06
N PRO B 280 -12.09 27.68 3.04
CA PRO B 280 -12.70 27.38 1.74
C PRO B 280 -13.73 26.26 1.85
N LEU B 281 -13.44 25.26 2.67
CA LEU B 281 -14.34 24.14 2.87
C LEU B 281 -15.65 24.61 3.51
N ARG B 282 -15.53 25.45 4.53
CA ARG B 282 -16.68 25.98 5.26
C ARG B 282 -17.62 26.69 4.29
N ASN B 283 -17.03 27.42 3.33
CA ASN B 283 -17.79 28.15 2.32
C ASN B 283 -18.50 27.22 1.32
N ALA B 284 -17.80 26.19 0.86
CA ALA B 284 -18.40 25.26 -0.07
C ALA B 284 -19.58 24.61 0.63
N LEU B 285 -19.39 24.33 1.91
CA LEU B 285 -20.44 23.72 2.72
C LEU B 285 -21.61 24.67 2.85
N LYS B 286 -21.32 25.97 2.89
CA LYS B 286 -22.38 26.99 3.01
C LYS B 286 -23.13 27.18 1.70
N ASP B 287 -22.39 27.15 0.59
CA ASP B 287 -23.00 27.33 -0.72
C ASP B 287 -23.90 26.16 -1.06
N ALA B 288 -23.52 24.96 -0.60
CA ALA B 288 -24.29 23.75 -0.87
C ALA B 288 -25.46 23.62 0.08
N GLY B 289 -25.62 24.58 0.99
CA GLY B 289 -26.74 24.51 1.92
C GLY B 289 -26.60 23.44 2.98
N ILE B 290 -25.39 22.91 3.15
CA ILE B 290 -25.17 21.88 4.16
C ILE B 290 -25.01 22.57 5.50
N ILE B 291 -24.36 23.72 5.46
CA ILE B 291 -24.11 24.53 6.64
C ILE B 291 -24.63 25.96 6.51
#